data_8J63
#
_entry.id   8J63
#
_cell.length_a   52.125
_cell.length_b   52.125
_cell.length_c   228.168
_cell.angle_alpha   90.0
_cell.angle_beta   90.0
_cell.angle_gamma   120.0
#
_symmetry.space_group_name_H-M   'P 31 1 2'
#
loop_
_entity.id
_entity.type
_entity.pdbx_description
1 polymer 'High affinity nerve growth factor receptor'
2 non-polymer 4^6-methyl-N-(3-(4-methyl-1H-imidazol-1-yl)-5-(trifluoromethyl)phenyl)-11-oxo-5-oxa-10,14-diaza-1(3,6)-imidazo[1,2-b]pyridazina-4(1,3)-benzenacyclotetradecaphan-2-yne-4^5-carboxamide
#
_entity_poly.entity_id   1
_entity_poly.type   'polypeptide(L)'
_entity_poly.pdbx_seq_one_letter_code
;SDACVHHIKRRDIVLKWELGEGAFGKVFLAECHNLLPEQDKMLVAVKALKEASESARQDFQREAELLTMLQHQHIVRFFG
VCTEGRPLLMVFEYMRHGDLNRFLRSHGPDAKLLAGGEDVAPGPLGLGQLLAVASQVAAGMVYLAGLHFVHRDLATRNCL
VGQGLVVKIGDFGMSRDIYSTDYYRVGGRTMLPIRWMPPESILYRKFTTESDVWSFGVVLWEIFTYGKQPWYQLSNTEAI
DCITQGRELERPRACPPEVYAIMRGCWQREPQQRHSIKDVHARLQALAQAPPVYLDVLG
;
_entity_poly.pdbx_strand_id   A
#
loop_
_chem_comp.id
_chem_comp.type
_chem_comp.name
_chem_comp.formula
A6X non-polymer 4^6-methyl-N-(3-(4-methyl-1H-imidazol-1-yl)-5-(trifluoromethyl)phenyl)-11-oxo-5-oxa-10,14-diaza-1(3,6)-imidazo[1,2-b]pyridazina-4(1,3)-benzenacyclotetradecaphan-2-yne-4^5-carboxamide 'C34 H31 F3 N8 O3'
#
# COMPACT_ATOMS: atom_id res chain seq x y z
N ALA A 3 -24.61 2.43 -9.21
CA ALA A 3 -24.05 2.15 -10.53
C ALA A 3 -24.63 3.07 -11.60
N CYS A 4 -24.03 4.23 -11.92
CA CYS A 4 -22.80 4.85 -11.39
C CYS A 4 -21.58 3.96 -11.15
N VAL A 5 -21.44 2.93 -11.98
CA VAL A 5 -20.33 1.98 -11.94
C VAL A 5 -20.23 1.31 -13.31
N HIS A 6 -19.04 1.27 -13.89
CA HIS A 6 -18.85 0.66 -15.20
C HIS A 6 -19.05 -0.85 -15.13
N HIS A 7 -19.69 -1.40 -16.15
CA HIS A 7 -19.96 -2.83 -16.21
C HIS A 7 -19.22 -3.49 -17.37
N ILE A 8 -18.74 -4.71 -17.14
CA ILE A 8 -18.02 -5.47 -18.15
C ILE A 8 -18.70 -6.82 -18.37
N LYS A 9 -19.00 -7.14 -19.62
CA LYS A 9 -19.66 -8.40 -19.94
C LYS A 9 -18.72 -9.57 -19.72
N ARG A 10 -19.29 -10.71 -19.33
CA ARG A 10 -18.51 -11.88 -18.97
C ARG A 10 -17.73 -12.45 -20.16
N ARG A 11 -18.30 -12.31 -21.35
CA ARG A 11 -17.69 -12.84 -22.56
C ARG A 11 -16.39 -12.10 -22.90
N ASP A 12 -16.23 -10.90 -22.37
CA ASP A 12 -15.03 -10.11 -22.60
C ASP A 12 -13.92 -10.50 -21.63
N ILE A 13 -14.27 -11.25 -20.59
CA ILE A 13 -13.30 -11.64 -19.58
C ILE A 13 -12.95 -13.12 -19.70
N VAL A 14 -11.67 -13.40 -19.92
CA VAL A 14 -11.19 -14.78 -20.02
C VAL A 14 -10.14 -15.05 -18.95
N LEU A 15 -10.52 -15.85 -17.95
CA LEU A 15 -9.63 -16.18 -16.86
C LEU A 15 -8.48 -17.06 -17.33
N LYS A 16 -7.26 -16.69 -16.96
CA LYS A 16 -6.09 -17.45 -17.36
C LYS A 16 -5.64 -18.38 -16.23
N TRP A 17 -5.31 -17.79 -15.09
CA TRP A 17 -4.91 -18.55 -13.92
C TRP A 17 -5.00 -17.70 -12.65
N GLU A 18 -4.88 -18.35 -11.49
CA GLU A 18 -5.01 -17.66 -10.22
C GLU A 18 -3.75 -16.87 -9.86
N LEU A 19 -3.93 -15.71 -9.25
CA LEU A 19 -2.79 -14.90 -8.82
C LEU A 19 -2.55 -15.05 -7.33
N GLY A 20 -3.62 -14.99 -6.56
CA GLY A 20 -3.54 -15.13 -5.12
C GLY A 20 -4.88 -15.55 -4.56
N GLU A 21 -4.97 -15.62 -3.24
CA GLU A 21 -6.20 -16.06 -2.60
C GLU A 21 -6.33 -15.48 -1.20
N GLY A 22 -7.47 -14.84 -0.93
CA GLY A 22 -7.74 -14.27 0.38
C GLY A 22 -8.76 -15.10 1.15
N ALA A 23 -9.09 -14.66 2.35
CA ALA A 23 -10.03 -15.38 3.19
C ALA A 23 -11.44 -15.32 2.60
N PHE A 24 -11.70 -14.31 1.78
CA PHE A 24 -13.03 -14.12 1.22
C PHE A 24 -13.00 -13.96 -0.30
N GLY A 25 -11.83 -13.72 -0.86
CA GLY A 25 -11.71 -13.47 -2.29
C GLY A 25 -10.51 -14.11 -2.98
N LYS A 26 -10.72 -14.50 -4.24
CA LYS A 26 -9.65 -15.01 -5.09
C LYS A 26 -9.24 -13.94 -6.09
N VAL A 27 -8.03 -14.04 -6.62
CA VAL A 27 -7.61 -13.17 -7.71
C VAL A 27 -7.08 -13.97 -8.90
N PHE A 28 -7.64 -13.71 -10.07
CA PHE A 28 -7.19 -14.35 -11.29
C PHE A 28 -6.53 -13.34 -12.22
N LEU A 29 -5.49 -13.76 -12.91
CA LEU A 29 -4.99 -13.00 -14.04
C LEU A 29 -5.87 -13.36 -15.23
N ALA A 30 -6.36 -12.35 -15.93
CA ALA A 30 -7.31 -12.60 -17.01
C ALA A 30 -7.09 -11.65 -18.17
N GLU A 31 -7.62 -12.03 -19.34
CA GLU A 31 -7.62 -11.16 -20.50
C GLU A 31 -8.94 -10.43 -20.59
N CYS A 32 -8.90 -9.18 -21.02
CA CYS A 32 -10.11 -8.37 -21.11
C CYS A 32 -10.22 -7.69 -22.47
N HIS A 33 -11.23 -8.10 -23.24
CA HIS A 33 -11.43 -7.57 -24.58
C HIS A 33 -12.37 -6.37 -24.59
N ASN A 34 -12.23 -5.54 -25.62
CA ASN A 34 -13.08 -4.37 -25.81
C ASN A 34 -13.14 -3.46 -24.59
N LEU A 35 -11.99 -3.29 -23.95
CA LEU A 35 -11.87 -2.43 -22.78
C LEU A 35 -11.12 -1.14 -23.13
N LEU A 36 -9.97 -1.30 -23.77
CA LEU A 36 -9.15 -0.17 -24.23
C LEU A 36 -8.62 -0.45 -25.63
N PRO A 37 -8.33 0.62 -26.42
CA PRO A 37 -8.51 2.04 -26.10
C PRO A 37 -9.97 2.48 -26.21
N LYS A 41 -7.44 -8.60 -25.37
CA LYS A 41 -6.44 -7.64 -25.84
C LYS A 41 -5.41 -7.31 -24.75
N MET A 42 -5.88 -6.88 -23.58
CA MET A 42 -4.99 -6.53 -22.48
C MET A 42 -5.19 -7.45 -21.27
N LEU A 43 -4.22 -7.43 -20.36
CA LEU A 43 -4.27 -8.26 -19.16
C LEU A 43 -4.84 -7.50 -17.96
N VAL A 44 -5.72 -8.16 -17.22
CA VAL A 44 -6.30 -7.57 -16.03
C VAL A 44 -6.29 -8.56 -14.87
N ALA A 45 -6.46 -8.05 -13.67
CA ALA A 45 -6.58 -8.89 -12.48
C ALA A 45 -7.99 -8.80 -11.92
N VAL A 46 -8.77 -9.86 -12.09
CA VAL A 46 -10.14 -9.88 -11.60
C VAL A 46 -10.22 -10.63 -10.27
N LYS A 47 -11.09 -10.16 -9.38
CA LYS A 47 -11.28 -10.85 -8.11
C LYS A 47 -12.67 -11.47 -8.04
N ALA A 48 -12.71 -12.76 -7.71
CA ALA A 48 -13.97 -13.44 -7.49
C ALA A 48 -14.28 -13.43 -6.00
N LEU A 49 -15.52 -13.72 -5.63
CA LEU A 49 -15.94 -13.60 -4.25
C LEU A 49 -16.53 -14.90 -3.71
N LYS A 50 -15.98 -15.38 -2.60
CA LYS A 50 -16.58 -16.50 -1.88
C LYS A 50 -17.85 -16.02 -1.19
N GLU A 51 -18.90 -15.85 -1.98
CA GLU A 51 -20.15 -15.23 -1.52
C GLU A 51 -20.77 -15.97 -0.35
N ALA A 52 -21.29 -15.20 0.61
CA ALA A 52 -21.91 -15.76 1.80
C ALA A 52 -23.31 -15.18 2.02
N SER A 55 -25.66 -10.92 1.98
CA SER A 55 -24.54 -10.68 2.89
C SER A 55 -23.34 -10.13 2.14
N ALA A 56 -22.64 -11.00 1.43
CA ALA A 56 -21.45 -10.61 0.68
C ALA A 56 -21.82 -9.77 -0.55
N ARG A 57 -23.06 -9.92 -1.00
CA ARG A 57 -23.55 -9.19 -2.17
C ARG A 57 -23.84 -7.73 -1.86
N GLN A 58 -23.64 -7.34 -0.60
CA GLN A 58 -23.86 -5.95 -0.19
C GLN A 58 -22.55 -5.18 -0.20
N ASP A 59 -21.53 -5.74 0.43
CA ASP A 59 -20.21 -5.11 0.48
C ASP A 59 -19.56 -5.03 -0.91
N PHE A 60 -20.06 -5.86 -1.83
CA PHE A 60 -19.56 -5.86 -3.20
C PHE A 60 -19.82 -4.52 -3.88
N GLN A 61 -21.08 -4.19 -4.07
CA GLN A 61 -21.46 -2.95 -4.74
C GLN A 61 -21.22 -1.72 -3.87
N ARG A 62 -20.56 -1.91 -2.72
CA ARG A 62 -20.15 -0.81 -1.89
C ARG A 62 -18.71 -0.44 -2.22
N GLU A 63 -17.85 -1.46 -2.22
CA GLU A 63 -16.45 -1.26 -2.56
C GLU A 63 -16.30 -0.79 -4.00
N ALA A 64 -17.17 -1.31 -4.87
CA ALA A 64 -17.12 -0.99 -6.30
C ALA A 64 -17.41 0.50 -6.55
N GLU A 65 -18.42 1.03 -5.87
CA GLU A 65 -18.78 2.44 -6.02
C GLU A 65 -17.68 3.36 -5.50
N LEU A 66 -17.01 2.94 -4.44
CA LEU A 66 -15.94 3.72 -3.85
C LEU A 66 -14.73 3.76 -4.78
N LEU A 67 -14.40 2.63 -5.37
CA LEU A 67 -13.24 2.50 -6.23
C LEU A 67 -13.39 3.27 -7.53
N THR A 68 -14.64 3.44 -7.97
CA THR A 68 -14.92 4.23 -9.16
C THR A 68 -14.76 5.72 -8.87
N MET A 69 -14.98 6.10 -7.61
CA MET A 69 -14.82 7.49 -7.18
C MET A 69 -13.35 7.84 -7.02
N LEU A 70 -12.56 6.87 -6.59
CA LEU A 70 -11.14 7.08 -6.34
C LEU A 70 -10.32 6.84 -7.60
N GLN A 71 -10.18 7.88 -8.43
CA GLN A 71 -9.40 7.80 -9.65
C GLN A 71 -8.19 8.73 -9.58
N HIS A 72 -7.00 8.15 -9.49
CA HIS A 72 -5.77 8.92 -9.38
C HIS A 72 -4.59 8.16 -9.97
N GLN A 73 -3.56 8.90 -10.37
CA GLN A 73 -2.37 8.32 -10.99
C GLN A 73 -1.60 7.40 -10.06
N HIS A 74 -1.92 7.44 -8.77
CA HIS A 74 -1.21 6.63 -7.79
C HIS A 74 -2.17 5.85 -6.89
N ILE A 75 -3.37 5.61 -7.42
CA ILE A 75 -4.32 4.70 -6.79
C ILE A 75 -4.67 3.61 -7.80
N VAL A 76 -4.70 2.36 -7.37
CA VAL A 76 -4.94 1.23 -8.25
C VAL A 76 -6.20 1.40 -9.10
N ARG A 77 -6.03 1.39 -10.42
CA ARG A 77 -7.15 1.59 -11.34
C ARG A 77 -8.23 0.53 -11.18
N PHE A 78 -9.47 0.94 -11.44
CA PHE A 78 -10.62 0.07 -11.34
C PHE A 78 -11.44 0.21 -12.62
N PHE A 79 -11.55 -0.86 -13.39
CA PHE A 79 -12.17 -0.79 -14.70
C PHE A 79 -13.67 -1.04 -14.63
N GLY A 80 -14.12 -1.73 -13.60
CA GLY A 80 -15.54 -1.99 -13.42
C GLY A 80 -15.84 -3.37 -12.88
N VAL A 81 -17.11 -3.77 -13.00
CA VAL A 81 -17.55 -5.05 -12.46
C VAL A 81 -18.25 -5.92 -13.51
N CYS A 82 -18.55 -7.15 -13.10
CA CYS A 82 -19.32 -8.06 -13.94
C CYS A 82 -20.37 -8.74 -13.06
N THR A 83 -21.61 -8.25 -13.13
CA THR A 83 -22.67 -8.73 -12.26
C THR A 83 -23.61 -9.69 -12.97
N GLU A 84 -23.46 -9.81 -14.28
CA GLU A 84 -24.29 -10.74 -15.05
C GLU A 84 -23.92 -12.19 -14.71
N GLY A 85 -24.70 -12.79 -13.82
CA GLY A 85 -24.42 -14.13 -13.36
C GLY A 85 -23.44 -14.12 -12.20
N ARG A 86 -23.06 -15.30 -11.73
CA ARG A 86 -22.14 -15.43 -10.61
C ARG A 86 -20.90 -16.19 -11.04
N PRO A 87 -19.76 -15.94 -10.38
CA PRO A 87 -19.57 -15.02 -9.24
C PRO A 87 -19.39 -13.57 -9.66
N LEU A 88 -19.62 -12.66 -8.73
CA LEU A 88 -19.40 -11.24 -8.98
C LEU A 88 -17.91 -10.97 -9.14
N LEU A 89 -17.57 -10.14 -10.13
CA LEU A 89 -16.18 -9.87 -10.44
C LEU A 89 -15.85 -8.39 -10.35
N MET A 90 -14.62 -8.09 -9.96
CA MET A 90 -14.11 -6.72 -10.01
C MET A 90 -12.84 -6.70 -10.85
N VAL A 91 -12.87 -5.94 -11.93
CA VAL A 91 -11.73 -5.90 -12.84
C VAL A 91 -10.74 -4.81 -12.46
N PHE A 92 -9.56 -5.23 -11.99
CA PHE A 92 -8.48 -4.30 -11.67
C PHE A 92 -7.39 -4.35 -12.74
N GLU A 93 -6.59 -3.29 -12.83
CA GLU A 93 -5.43 -3.32 -13.68
C GLU A 93 -4.40 -4.27 -13.10
N TYR A 94 -3.55 -4.85 -13.94
CA TYR A 94 -2.58 -5.82 -13.47
C TYR A 94 -1.25 -5.14 -13.16
N MET A 95 -0.74 -5.37 -11.95
CA MET A 95 0.54 -4.83 -11.52
C MET A 95 1.60 -5.91 -11.51
N ARG A 96 2.54 -5.80 -12.45
CA ARG A 96 3.51 -6.86 -12.75
C ARG A 96 4.29 -7.39 -11.55
N HIS A 97 4.64 -6.51 -10.61
CA HIS A 97 5.56 -6.89 -9.54
C HIS A 97 4.88 -7.25 -8.22
N GLY A 98 3.55 -7.34 -8.23
CA GLY A 98 2.81 -7.67 -7.02
C GLY A 98 2.81 -6.54 -6.02
N ASP A 99 2.67 -6.88 -4.74
CA ASP A 99 2.61 -5.88 -3.69
C ASP A 99 4.01 -5.33 -3.37
N LEU A 100 4.06 -4.11 -2.85
CA LEU A 100 5.31 -3.39 -2.64
C LEU A 100 6.24 -4.07 -1.63
N ASN A 101 5.67 -4.77 -0.67
CA ASN A 101 6.49 -5.40 0.36
C ASN A 101 7.31 -6.54 -0.21
N ARG A 102 6.69 -7.33 -1.07
CA ARG A 102 7.39 -8.45 -1.70
C ARG A 102 8.43 -7.93 -2.67
N PHE A 103 8.18 -6.75 -3.22
CA PHE A 103 9.10 -6.11 -4.15
C PHE A 103 10.32 -5.57 -3.42
N LEU A 104 10.10 -5.00 -2.24
CA LEU A 104 11.19 -4.42 -1.46
C LEU A 104 12.13 -5.50 -0.93
N ARG A 105 11.55 -6.59 -0.44
CA ARG A 105 12.34 -7.69 0.11
C ARG A 105 13.18 -8.38 -0.94
N SER A 106 12.72 -8.38 -2.18
CA SER A 106 13.40 -9.09 -3.27
C SER A 106 14.39 -8.20 -4.00
N HIS A 107 14.63 -7.00 -3.47
CA HIS A 107 15.59 -6.08 -4.09
C HIS A 107 16.34 -5.29 -3.03
N GLY A 108 17.01 -5.99 -2.12
CA GLY A 108 17.82 -5.36 -1.11
C GLY A 108 17.77 -6.03 0.24
N PRO A 109 18.89 -6.02 0.97
CA PRO A 109 20.17 -5.52 0.47
C PRO A 109 20.95 -6.61 -0.24
N ASP A 110 20.29 -7.73 -0.50
CA ASP A 110 20.89 -8.87 -1.18
C ASP A 110 19.83 -9.67 -1.95
N ALA A 111 19.56 -9.38 -3.24
CA ALA A 111 20.21 -8.39 -4.13
C ALA A 111 21.72 -8.57 -4.29
N LYS A 112 22.09 -9.56 -5.11
CA LYS A 112 23.50 -9.78 -5.43
C LYS A 112 23.75 -9.39 -6.88
N LEU A 114 21.92 -8.75 -12.66
CA LEU A 114 22.20 -9.80 -11.69
C LEU A 114 20.94 -10.21 -10.95
N ALA A 115 20.38 -9.29 -10.18
CA ALA A 115 19.11 -9.53 -9.50
C ALA A 115 18.05 -8.55 -10.00
N GLY A 116 18.45 -7.72 -10.96
CA GLY A 116 17.55 -6.74 -11.55
C GLY A 116 17.16 -7.13 -12.97
N GLY A 117 15.92 -6.83 -13.34
CA GLY A 117 15.40 -7.21 -14.64
C GLY A 117 15.14 -6.04 -15.56
N GLU A 118 13.89 -5.93 -15.99
CA GLU A 118 13.49 -4.97 -17.02
C GLU A 118 13.27 -3.56 -16.47
N ASP A 119 12.90 -3.47 -15.20
CA ASP A 119 12.51 -2.19 -14.61
C ASP A 119 13.37 -1.78 -13.41
N VAL A 120 14.26 -2.67 -12.98
CA VAL A 120 14.97 -2.46 -11.73
C VAL A 120 16.47 -2.78 -11.85
N ALA A 121 17.29 -1.98 -11.17
CA ALA A 121 18.73 -2.15 -11.13
C ALA A 121 19.13 -3.51 -10.52
N PRO A 122 20.33 -4.00 -10.84
CA PRO A 122 20.84 -5.27 -10.32
C PRO A 122 20.81 -5.38 -8.79
N GLY A 123 21.61 -4.57 -8.11
CA GLY A 123 21.74 -4.66 -6.67
C GLY A 123 20.55 -4.13 -5.90
N PRO A 124 20.80 -3.67 -4.66
CA PRO A 124 19.77 -3.06 -3.82
C PRO A 124 19.25 -1.77 -4.45
N LEU A 125 17.99 -1.44 -4.18
CA LEU A 125 17.38 -0.22 -4.70
C LEU A 125 18.18 1.00 -4.30
N GLY A 126 18.48 1.85 -5.27
CA GLY A 126 19.24 3.06 -5.02
C GLY A 126 18.45 4.06 -4.22
N LEU A 127 19.14 5.01 -3.61
CA LEU A 127 18.50 6.07 -2.83
C LEU A 127 17.47 6.83 -3.68
N GLY A 128 17.75 6.95 -4.97
CA GLY A 128 16.85 7.64 -5.88
C GLY A 128 15.59 6.86 -6.17
N GLN A 129 15.67 5.54 -6.14
CA GLN A 129 14.51 4.69 -6.40
C GLN A 129 13.66 4.57 -5.15
N LEU A 130 14.30 4.51 -4.00
CA LEU A 130 13.60 4.47 -2.73
C LEU A 130 12.78 5.75 -2.55
N LEU A 131 13.42 6.89 -2.79
CA LEU A 131 12.74 8.18 -2.69
C LEU A 131 11.62 8.28 -3.72
N ALA A 132 11.83 7.68 -4.89
CA ALA A 132 10.83 7.68 -5.96
C ALA A 132 9.60 6.88 -5.55
N VAL A 133 9.83 5.77 -4.84
CA VAL A 133 8.73 4.93 -4.38
C VAL A 133 7.93 5.65 -3.29
N ALA A 134 8.63 6.22 -2.32
CA ALA A 134 8.01 6.94 -1.22
C ALA A 134 7.19 8.12 -1.74
N SER A 135 7.75 8.84 -2.70
CA SER A 135 7.08 10.00 -3.28
C SER A 135 5.74 9.64 -3.91
N GLN A 136 5.71 8.51 -4.60
CA GLN A 136 4.49 8.06 -5.27
C GLN A 136 3.39 7.73 -4.27
N VAL A 137 3.77 7.07 -3.17
CA VAL A 137 2.82 6.71 -2.13
C VAL A 137 2.28 7.95 -1.43
N ALA A 138 3.17 8.91 -1.15
CA ALA A 138 2.76 10.17 -0.56
C ALA A 138 1.78 10.89 -1.47
N ALA A 139 2.07 10.87 -2.76
CA ALA A 139 1.22 11.51 -3.76
C ALA A 139 -0.17 10.90 -3.78
N GLY A 140 -0.26 9.60 -3.50
CA GLY A 140 -1.54 8.92 -3.43
C GLY A 140 -2.29 9.30 -2.17
N MET A 141 -1.54 9.51 -1.08
CA MET A 141 -2.13 9.84 0.19
C MET A 141 -2.62 11.28 0.23
N VAL A 142 -1.98 12.14 -0.56
CA VAL A 142 -2.41 13.53 -0.69
C VAL A 142 -3.80 13.57 -1.34
N TYR A 143 -3.99 12.71 -2.33
CA TYR A 143 -5.28 12.58 -2.99
C TYR A 143 -6.36 12.12 -2.02
N LEU A 144 -6.05 11.08 -1.26
CA LEU A 144 -7.01 10.51 -0.31
C LEU A 144 -7.31 11.48 0.83
N ALA A 145 -6.30 12.22 1.26
CA ALA A 145 -6.48 13.24 2.28
C ALA A 145 -7.29 14.40 1.72
N GLY A 146 -7.22 14.59 0.41
CA GLY A 146 -7.96 15.63 -0.26
C GLY A 146 -9.44 15.30 -0.34
N LEU A 147 -9.75 14.02 -0.34
CA LEU A 147 -11.14 13.56 -0.37
C LEU A 147 -11.58 13.21 1.05
N HIS A 148 -10.67 13.40 2.00
CA HIS A 148 -10.89 13.06 3.41
C HIS A 148 -11.29 11.60 3.55
N PHE A 149 -10.61 10.75 2.78
CA PHE A 149 -10.74 9.32 2.91
C PHE A 149 -9.62 8.80 3.80
N VAL A 150 -10.00 8.16 4.90
CA VAL A 150 -9.02 7.57 5.81
C VAL A 150 -8.78 6.12 5.43
N HIS A 151 -7.51 5.74 5.28
CA HIS A 151 -7.16 4.40 4.81
C HIS A 151 -7.29 3.36 5.91
N ARG A 152 -6.79 3.70 7.10
CA ARG A 152 -6.83 2.83 8.28
C ARG A 152 -5.97 1.57 8.15
N ASP A 153 -5.37 1.35 6.99
CA ASP A 153 -4.49 0.21 6.80
C ASP A 153 -3.42 0.50 5.76
N LEU A 154 -2.65 1.56 5.99
CA LEU A 154 -1.58 1.93 5.07
C LEU A 154 -0.31 1.16 5.37
N ALA A 155 0.10 0.32 4.43
CA ALA A 155 1.32 -0.46 4.55
C ALA A 155 1.84 -0.79 3.16
N THR A 156 3.07 -1.30 3.08
CA THR A 156 3.65 -1.69 1.79
C THR A 156 2.91 -2.88 1.20
N ARG A 157 2.43 -3.76 2.08
CA ARG A 157 1.67 -4.94 1.67
C ARG A 157 0.36 -4.55 0.99
N ASN A 158 -0.02 -3.29 1.12
CA ASN A 158 -1.25 -2.79 0.51
C ASN A 158 -0.97 -1.89 -0.69
N CYS A 159 0.29 -1.78 -1.06
CA CYS A 159 0.67 -1.01 -2.24
C CYS A 159 1.12 -1.94 -3.36
N LEU A 160 0.69 -1.66 -4.59
CA LEU A 160 1.06 -2.49 -5.73
C LEU A 160 2.12 -1.81 -6.58
N VAL A 161 2.87 -2.63 -7.32
CA VAL A 161 3.92 -2.12 -8.21
C VAL A 161 3.73 -2.66 -9.63
N GLY A 162 3.74 -1.75 -10.61
CA GLY A 162 3.56 -2.13 -12.00
C GLY A 162 4.82 -1.91 -12.82
N GLN A 163 4.69 -2.06 -14.14
CA GLN A 163 5.83 -1.89 -15.04
C GLN A 163 6.34 -0.45 -15.02
N GLY A 164 7.66 -0.31 -15.07
CA GLY A 164 8.29 1.00 -15.01
C GLY A 164 8.36 1.52 -13.60
N LEU A 165 8.28 0.60 -12.64
CA LEU A 165 8.28 0.91 -11.21
C LEU A 165 7.23 1.95 -10.87
N VAL A 166 5.98 1.65 -11.18
CA VAL A 166 4.86 2.49 -10.81
C VAL A 166 4.22 1.95 -9.54
N VAL A 167 4.35 2.71 -8.45
CA VAL A 167 3.75 2.33 -7.18
C VAL A 167 2.37 2.95 -7.06
N LYS A 168 1.40 2.15 -6.64
CA LYS A 168 0.03 2.61 -6.48
C LYS A 168 -0.56 2.07 -5.18
N ILE A 169 -1.40 2.87 -4.54
CA ILE A 169 -1.99 2.50 -3.26
C ILE A 169 -3.28 1.70 -3.47
N GLY A 170 -3.47 0.68 -2.64
CA GLY A 170 -4.65 -0.15 -2.67
C GLY A 170 -4.99 -0.65 -1.28
N ASP A 171 -5.96 -1.55 -1.19
CA ASP A 171 -6.37 -2.10 0.11
C ASP A 171 -6.85 -3.55 0.00
N PHE A 172 -5.93 -4.47 0.27
CA PHE A 172 -6.21 -5.88 0.39
C PHE A 172 -6.92 -6.17 1.73
N GLY A 173 -7.57 -7.32 1.89
CA GLY A 173 -7.63 -8.41 0.92
C GLY A 173 -6.75 -9.57 1.36
N MET A 174 -5.67 -9.78 0.60
CA MET A 174 -4.63 -10.76 0.91
C MET A 174 -4.03 -10.47 2.28
N SER A 175 -3.88 -9.19 2.59
CA SER A 175 -3.21 -8.73 3.80
C SER A 175 -3.59 -9.50 5.06
N ARG A 176 -4.87 -9.76 5.25
CA ARG A 176 -5.34 -10.50 6.43
C ARG A 176 -4.83 -11.94 6.45
N ASP A 177 -4.50 -12.48 5.28
CA ASP A 177 -4.05 -13.88 5.19
C ASP A 177 -2.56 -14.00 4.84
N ILE A 178 -1.86 -14.89 5.54
CA ILE A 178 -0.42 -15.16 5.32
C ILE A 178 0.45 -13.89 5.52
N TYR A 179 -0.18 -12.78 5.87
CA TYR A 179 0.53 -11.61 6.38
C TYR A 179 0.06 -11.38 7.81
N SER A 180 -0.42 -12.45 8.44
CA SER A 180 -1.01 -12.38 9.77
C SER A 180 -0.01 -11.94 10.84
N THR A 181 1.27 -12.01 10.51
CA THR A 181 2.31 -11.51 11.41
C THR A 181 2.18 -10.00 11.58
N ASP A 182 1.52 -9.35 10.61
CA ASP A 182 1.36 -7.91 10.62
C ASP A 182 0.07 -7.46 11.30
N TYR A 183 -0.73 -8.41 11.76
CA TYR A 183 -2.00 -8.07 12.39
C TYR A 183 -2.16 -8.68 13.77
N TYR A 184 -2.84 -7.93 14.65
CA TYR A 184 -3.17 -8.40 15.98
C TYR A 184 -4.66 -8.66 16.09
N ARG A 185 -5.02 -9.93 16.28
CA ARG A 185 -6.43 -10.33 16.28
C ARG A 185 -7.11 -10.06 17.61
N VAL A 186 -8.17 -9.25 17.56
CA VAL A 186 -8.93 -8.92 18.76
C VAL A 186 -10.42 -9.19 18.59
N GLY A 187 -11.03 -9.83 19.58
CA GLY A 187 -12.46 -10.08 19.56
C GLY A 187 -12.86 -11.28 18.70
N GLY A 188 -11.97 -11.69 17.81
CA GLY A 188 -12.22 -12.83 16.96
C GLY A 188 -12.78 -12.46 15.59
N ARG A 189 -13.30 -11.25 15.49
CA ARG A 189 -13.90 -10.78 14.24
C ARG A 189 -13.22 -9.52 13.71
N THR A 190 -12.09 -9.17 14.29
CA THR A 190 -11.39 -7.95 13.92
C THR A 190 -9.88 -8.05 14.19
N MET A 191 -9.08 -7.67 13.20
CA MET A 191 -7.62 -7.66 13.35
C MET A 191 -7.08 -6.24 13.21
N LEU A 192 -5.99 -5.96 13.90
CA LEU A 192 -5.44 -4.61 13.92
C LEU A 192 -3.96 -4.55 13.56
N PRO A 193 -3.62 -3.73 12.55
CA PRO A 193 -2.22 -3.49 12.16
C PRO A 193 -1.51 -2.57 13.15
N ILE A 194 -1.48 -2.99 14.41
CA ILE A 194 -1.07 -2.11 15.49
C ILE A 194 0.34 -1.54 15.34
N ARG A 195 1.19 -2.22 14.57
CA ARG A 195 2.55 -1.74 14.37
C ARG A 195 2.59 -0.54 13.45
N TRP A 196 1.48 -0.28 12.76
CA TRP A 196 1.38 0.84 11.84
C TRP A 196 0.50 1.96 12.40
N MET A 197 -0.05 1.72 13.58
CA MET A 197 -1.02 2.65 14.17
C MET A 197 -0.40 3.65 15.14
N PRO A 198 -0.91 4.89 15.12
CA PRO A 198 -0.48 5.94 16.05
C PRO A 198 -1.04 5.69 17.44
N PRO A 199 -0.48 6.35 18.47
CA PRO A 199 -0.91 6.13 19.86
C PRO A 199 -2.38 6.43 20.09
N GLU A 200 -2.93 7.44 19.41
CA GLU A 200 -4.31 7.83 19.63
C GLU A 200 -5.28 6.86 18.99
N SER A 201 -4.76 5.94 18.18
CA SER A 201 -5.58 4.90 17.56
C SER A 201 -5.62 3.67 18.44
N ILE A 202 -4.47 3.30 18.98
CA ILE A 202 -4.37 2.14 19.87
C ILE A 202 -5.12 2.38 21.17
N LEU A 203 -4.92 3.56 21.75
CA LEU A 203 -5.54 3.92 23.01
C LEU A 203 -6.99 4.34 22.86
N TYR A 204 -7.20 5.41 22.08
CA TYR A 204 -8.50 6.07 22.02
C TYR A 204 -9.41 5.52 20.92
N ARG A 205 -8.92 4.55 20.16
CA ARG A 205 -9.65 3.97 19.04
C ARG A 205 -10.13 5.03 18.05
N LYS A 206 -9.25 5.97 17.73
CA LYS A 206 -9.60 7.09 16.85
C LYS A 206 -8.72 7.10 15.60
N PHE A 207 -9.35 7.01 14.43
CA PHE A 207 -8.63 7.05 13.16
C PHE A 207 -8.97 8.32 12.37
N THR A 208 -7.94 9.08 12.02
CA THR A 208 -8.12 10.29 11.24
C THR A 208 -7.12 10.34 10.09
N THR A 209 -7.10 11.44 9.35
CA THR A 209 -6.13 11.62 8.29
C THR A 209 -4.75 11.78 8.90
N GLU A 210 -4.71 12.32 10.12
CA GLU A 210 -3.46 12.45 10.85
C GLU A 210 -2.95 11.08 11.29
N SER A 211 -3.85 10.11 11.38
CA SER A 211 -3.45 8.75 11.74
C SER A 211 -2.80 8.07 10.54
N ASP A 212 -3.21 8.48 9.34
CA ASP A 212 -2.62 7.97 8.11
C ASP A 212 -1.20 8.52 7.94
N VAL A 213 -1.00 9.76 8.35
CA VAL A 213 0.32 10.38 8.29
C VAL A 213 1.32 9.60 9.15
N TRP A 214 0.87 9.16 10.32
CA TRP A 214 1.70 8.29 11.16
C TRP A 214 1.99 6.99 10.42
N SER A 215 0.97 6.43 9.79
CA SER A 215 1.10 5.18 9.04
C SER A 215 2.12 5.31 7.91
N PHE A 216 2.09 6.45 7.21
CA PHE A 216 2.98 6.68 6.10
C PHE A 216 4.43 6.76 6.56
N GLY A 217 4.65 7.35 7.73
CA GLY A 217 5.98 7.42 8.31
C GLY A 217 6.51 6.03 8.55
N VAL A 218 5.62 5.12 8.93
CA VAL A 218 5.98 3.74 9.14
C VAL A 218 6.21 3.07 7.79
N VAL A 219 5.43 3.46 6.79
CA VAL A 219 5.60 2.98 5.43
C VAL A 219 6.90 3.54 4.86
N LEU A 220 7.16 4.81 5.14
CA LEU A 220 8.40 5.45 4.73
C LEU A 220 9.58 4.76 5.39
N TRP A 221 9.39 4.31 6.62
CA TRP A 221 10.38 3.49 7.30
C TRP A 221 10.63 2.22 6.49
N GLU A 222 9.61 1.37 6.39
CA GLU A 222 9.66 0.10 5.63
C GLU A 222 10.48 0.15 4.34
N ILE A 223 10.23 1.17 3.52
CA ILE A 223 10.90 1.35 2.24
C ILE A 223 12.41 1.38 2.39
N PHE A 224 12.89 2.14 3.38
CA PHE A 224 14.32 2.30 3.59
C PHE A 224 14.91 1.18 4.45
N THR A 225 14.13 0.13 4.66
CA THR A 225 14.65 -1.08 5.31
C THR A 225 14.21 -2.33 4.54
N TYR A 226 13.73 -2.11 3.32
CA TYR A 226 13.46 -3.19 2.36
C TYR A 226 12.46 -4.21 2.85
N GLY A 227 11.32 -3.74 3.33
CA GLY A 227 10.21 -4.61 3.67
C GLY A 227 10.27 -5.27 5.05
N LYS A 228 11.28 -4.94 5.83
CA LYS A 228 11.40 -5.51 7.17
C LYS A 228 10.28 -4.99 8.07
N GLN A 229 9.64 -5.90 8.81
CA GLN A 229 8.51 -5.55 9.67
C GLN A 229 8.91 -4.59 10.79
N PRO A 230 8.09 -3.55 11.02
CA PRO A 230 8.30 -2.62 12.14
C PRO A 230 8.20 -3.33 13.48
N TRP A 231 9.13 -3.01 14.39
CA TRP A 231 9.18 -3.65 15.71
C TRP A 231 9.22 -5.16 15.57
N TYR A 232 10.05 -5.62 14.65
CA TYR A 232 10.20 -7.04 14.36
C TYR A 232 10.70 -7.81 15.58
N GLN A 233 11.48 -7.14 16.43
CA GLN A 233 12.02 -7.76 17.63
C GLN A 233 10.93 -7.99 18.68
N LEU A 234 9.84 -7.23 18.57
CA LEU A 234 8.81 -7.25 19.60
C LEU A 234 7.59 -8.07 19.23
N SER A 235 6.89 -8.57 20.24
CA SER A 235 5.61 -9.25 20.05
C SER A 235 4.49 -8.24 19.93
N ASN A 236 3.28 -8.73 19.68
CA ASN A 236 2.12 -7.85 19.51
C ASN A 236 1.90 -6.93 20.71
N THR A 237 1.87 -7.52 21.91
CA THR A 237 1.67 -6.75 23.13
C THR A 237 2.82 -5.78 23.38
N GLU A 238 4.04 -6.26 23.18
CA GLU A 238 5.23 -5.46 23.41
C GLU A 238 5.29 -4.27 22.45
N ALA A 239 4.80 -4.48 21.23
CA ALA A 239 4.76 -3.42 20.23
C ALA A 239 3.81 -2.32 20.66
N ILE A 240 2.66 -2.73 21.20
CA ILE A 240 1.68 -1.79 21.74
C ILE A 240 2.30 -0.94 22.84
N ASP A 241 3.00 -1.61 23.76
CA ASP A 241 3.68 -0.95 24.87
C ASP A 241 4.61 0.16 24.39
N CYS A 242 5.48 -0.15 23.45
CA CYS A 242 6.47 0.80 22.96
C CYS A 242 5.84 1.99 22.24
N ILE A 243 4.83 1.71 21.42
CA ILE A 243 4.14 2.78 20.68
C ILE A 243 3.38 3.68 21.65
N THR A 244 2.73 3.06 22.64
CA THR A 244 1.99 3.79 23.65
C THR A 244 2.89 4.69 24.48
N GLN A 245 3.98 4.11 24.96
CA GLN A 245 4.91 4.82 25.83
C GLN A 245 5.76 5.83 25.05
N GLY A 246 5.77 5.70 23.74
CA GLY A 246 6.40 6.70 22.88
C GLY A 246 7.81 6.38 22.44
N ARG A 247 8.07 5.13 22.07
CA ARG A 247 9.35 4.76 21.50
C ARG A 247 9.33 4.92 19.99
N GLU A 248 10.45 5.37 19.42
CA GLU A 248 10.54 5.61 17.99
C GLU A 248 11.36 4.53 17.30
N LEU A 249 11.19 4.42 15.99
CA LEU A 249 11.88 3.41 15.21
C LEU A 249 13.29 3.82 14.83
N GLU A 250 14.12 2.83 14.51
CA GLU A 250 15.48 3.05 14.06
C GLU A 250 15.51 3.59 12.64
N ARG A 251 16.66 4.09 12.22
CA ARG A 251 16.84 4.53 10.84
C ARG A 251 17.86 3.75 9.97
N PRO A 252 18.86 3.06 10.57
CA PRO A 252 19.89 2.48 9.71
C PRO A 252 19.38 1.52 8.62
N ARG A 253 20.08 1.51 7.48
CA ARG A 253 21.21 2.39 7.26
C ARG A 253 21.15 3.03 5.89
N ALA A 254 20.14 2.65 5.11
CA ALA A 254 19.95 3.21 3.78
C ALA A 254 19.29 4.58 3.86
N CYS A 255 18.84 4.94 5.07
CA CYS A 255 18.11 6.19 5.27
C CYS A 255 19.03 7.32 5.73
N PRO A 256 19.16 8.35 4.89
CA PRO A 256 19.90 9.57 5.26
C PRO A 256 19.18 10.33 6.37
N PRO A 257 19.93 11.08 7.19
CA PRO A 257 19.37 11.87 8.28
C PRO A 257 18.26 12.83 7.80
N GLU A 258 18.44 13.38 6.61
CA GLU A 258 17.48 14.31 6.03
C GLU A 258 16.13 13.62 5.80
N VAL A 259 16.18 12.32 5.50
CA VAL A 259 14.98 11.55 5.25
C VAL A 259 14.34 11.05 6.55
N TYR A 260 15.18 10.69 7.51
CA TYR A 260 14.70 10.26 8.82
C TYR A 260 14.02 11.42 9.53
N ALA A 261 14.44 12.63 9.19
CA ALA A 261 13.83 13.84 9.72
C ALA A 261 12.38 13.93 9.28
N ILE A 262 12.08 13.36 8.12
CA ILE A 262 10.72 13.37 7.59
C ILE A 262 9.84 12.36 8.32
N MET A 263 10.42 11.21 8.67
CA MET A 263 9.70 10.18 9.41
C MET A 263 9.24 10.69 10.77
N ARG A 264 10.16 11.30 11.51
CA ARG A 264 9.84 11.83 12.83
C ARG A 264 8.75 12.89 12.77
N GLY A 265 8.73 13.65 11.67
CA GLY A 265 7.70 14.64 11.47
C GLY A 265 6.33 14.01 11.36
N CYS A 266 6.31 12.74 10.97
CA CYS A 266 5.07 11.97 10.90
C CYS A 266 4.79 11.26 12.21
N TRP A 267 5.80 11.19 13.08
CA TRP A 267 5.69 10.40 14.30
C TRP A 267 5.56 11.25 15.57
N GLN A 268 5.04 12.47 15.43
CA GLN A 268 4.78 13.30 16.60
C GLN A 268 3.63 12.69 17.40
N ARG A 269 3.70 12.77 18.72
CA ARG A 269 2.67 12.17 19.58
C ARG A 269 1.29 12.77 19.30
N GLU A 270 1.22 14.10 19.34
CA GLU A 270 -0.03 14.78 19.04
C GLU A 270 -0.27 14.86 17.53
N PRO A 271 -1.43 14.37 17.08
CA PRO A 271 -1.81 14.29 15.67
C PRO A 271 -1.81 15.65 14.97
N GLN A 272 -2.19 16.69 15.68
CA GLN A 272 -2.22 18.03 15.11
C GLN A 272 -0.81 18.61 15.02
N GLN A 273 0.10 18.06 15.82
CA GLN A 273 1.48 18.52 15.84
C GLN A 273 2.29 17.90 14.71
N ARG A 274 1.66 16.96 14.00
CA ARG A 274 2.32 16.30 12.87
C ARG A 274 2.27 17.19 11.63
N HIS A 275 3.07 16.84 10.64
CA HIS A 275 3.09 17.57 9.38
C HIS A 275 1.98 17.05 8.46
N SER A 276 1.53 17.90 7.54
CA SER A 276 0.53 17.49 6.57
C SER A 276 1.17 16.57 5.54
N ILE A 277 0.35 15.74 4.91
CA ILE A 277 0.85 14.78 3.93
C ILE A 277 1.29 15.51 2.66
N LYS A 278 0.73 16.68 2.43
CA LYS A 278 1.12 17.50 1.29
C LYS A 278 2.54 18.01 1.48
N ASP A 279 2.88 18.32 2.73
CA ASP A 279 4.21 18.78 3.08
C ASP A 279 5.24 17.67 2.92
N VAL A 280 4.92 16.49 3.46
CA VAL A 280 5.80 15.33 3.36
C VAL A 280 6.05 14.97 1.90
N HIS A 281 4.99 15.06 1.10
CA HIS A 281 5.08 14.80 -0.33
C HIS A 281 6.07 15.76 -1.00
N ALA A 282 5.93 17.04 -0.68
CA ALA A 282 6.77 18.08 -1.26
C ALA A 282 8.25 17.81 -1.05
N ARG A 283 8.61 17.40 0.17
CA ARG A 283 10.00 17.14 0.50
C ARG A 283 10.50 15.87 -0.16
N LEU A 284 9.68 14.83 -0.16
CA LEU A 284 10.05 13.56 -0.78
C LEU A 284 10.16 13.67 -2.30
N GLN A 285 9.28 14.47 -2.90
CA GLN A 285 9.27 14.64 -4.35
C GLN A 285 10.51 15.39 -4.82
N ALA A 286 10.88 16.44 -4.09
CA ALA A 286 12.06 17.22 -4.42
C ALA A 286 13.32 16.37 -4.32
N LEU A 287 13.39 15.56 -3.27
CA LEU A 287 14.52 14.68 -3.06
C LEU A 287 14.58 13.59 -4.12
N ALA A 288 13.42 13.19 -4.63
CA ALA A 288 13.35 12.19 -5.68
C ALA A 288 13.92 12.73 -6.99
N GLN A 289 13.52 13.94 -7.36
CA GLN A 289 13.93 14.53 -8.63
C GLN A 289 15.22 15.32 -8.52
N ALA A 290 15.82 15.30 -7.33
CA ALA A 290 17.08 16.01 -7.09
C ALA A 290 18.21 15.37 -7.89
N PRO A 291 19.18 16.20 -8.34
CA PRO A 291 20.32 15.68 -9.10
C PRO A 291 21.24 14.81 -8.25
N PRO A 292 21.87 13.80 -8.86
CA PRO A 292 22.82 12.87 -8.25
C PRO A 292 23.81 13.55 -7.32
N VAL A 293 24.39 14.65 -7.77
CA VAL A 293 25.37 15.40 -6.98
C VAL A 293 24.81 15.77 -5.60
N TYR A 294 23.55 16.17 -5.57
CA TYR A 294 22.90 16.52 -4.32
C TYR A 294 22.58 15.29 -3.49
N LEU A 295 22.30 14.17 -4.15
CA LEU A 295 21.89 12.96 -3.47
C LEU A 295 23.06 12.14 -2.94
N ASP A 296 24.23 12.31 -3.57
CA ASP A 296 25.41 11.53 -3.18
C ASP A 296 26.03 12.03 -1.88
N VAL A 297 25.63 13.22 -1.45
CA VAL A 297 26.17 13.78 -0.22
C VAL A 297 25.20 13.62 0.94
N LEU A 298 24.01 13.09 0.66
CA LEU A 298 23.02 12.84 1.69
C LEU A 298 23.45 11.69 2.60
N GLY A 299 23.55 11.98 3.90
C13 A6X B . -6.54 -6.13 -5.56
C15 A6X B . -8.35 -6.86 -4.16
C17 A6X B . -7.59 -4.55 -4.11
C20 A6X B . -5.67 -3.80 -5.60
C21 A6X B . -7.77 -3.14 -3.47
C22 A6X B . -3.90 -10.66 -4.24
C24 A6X B . -4.41 -11.73 -3.22
C28 A6X B . -9.32 -1.47 -2.44
C01 A6X B . -1.93 -9.94 -6.98
N02 A6X B . -2.79 -8.94 -7.09
N03 A6X B . -2.72 -8.14 -8.16
C04 A6X B . -1.89 -8.26 -9.10
C05 A6X B . -0.89 -9.31 -9.11
C06 A6X B . -0.94 -10.18 -7.99
C07 A6X B . -3.58 -7.07 -8.36
C08 A6X B . -3.17 -6.49 -9.58
N09 A6X B . -2.11 -7.25 -10.03
N10 A6X B . -2.03 -10.79 -5.83
C11 A6X B . -4.67 -6.72 -7.38
C12 A6X B . -5.47 -6.47 -6.60
C14 A6X B . -7.40 -7.16 -5.09
C16 A6X B . -8.45 -5.56 -3.65
C18 A6X B . -6.62 -4.84 -5.07
O19 A6X B . -9.22 -7.88 -3.68
C23 A6X B . -3.34 -11.32 -5.50
N25 A6X B . -5.66 -11.52 -2.47
N26 A6X B . -9.09 -2.72 -3.10
O27 A6X B . -6.78 -2.46 -3.21
C29 A6X B . -10.29 -1.46 -1.42
C30 A6X B . -10.57 -0.29 -0.68
C31 A6X B . -9.85 0.88 -0.96
C32 A6X B . -8.88 0.89 -1.97
C33 A6X B . -8.60 -0.29 -2.70
N34 A6X B . -11.58 -0.33 0.34
C35 A6X B . -11.36 -0.50 1.69
C36 A6X B . -12.65 -0.49 2.31
N37 A6X B . -13.57 -0.31 1.30
C38 A6X B . -12.90 -0.22 0.12
C39 A6X B . -12.94 -0.64 3.79
O40 A6X B . -3.76 -12.74 -3.03
C41 A6X B . -8.81 -8.31 -2.36
C42 A6X B . -8.97 -9.83 -2.21
C43 A6X B . -7.94 -10.65 -2.99
C44 A6X B . -6.46 -10.29 -2.68
C45 A6X B . -8.12 2.15 -2.26
F46 A6X B . -7.06 2.24 -1.45
F47 A6X B . -7.70 2.13 -3.53
F48 A6X B . -8.90 3.22 -2.04
#